data_1GWW
#
_entry.id   1GWW
#
_cell.length_a   45.163
_cell.length_b   94.370
_cell.length_c   94.760
_cell.angle_alpha   90.00
_cell.angle_beta   99.40
_cell.angle_gamma   90.00
#
_symmetry.space_group_name_H-M   'P 1 21 1'
#
loop_
_entity.id
_entity.type
_entity.pdbx_description
1 polymer 'N-ACETYLLACTOSAMINIDE ALPHA-1,3-GALACTOSYLTRANSFERASE'
2 non-polymer "URIDINE-5'-DIPHOSPHATE"
3 non-polymer 'MANGANESE (II) ION'
4 non-polymer alpha-D-glucopyranose
5 water water
#
_entity_poly.entity_id   1
_entity_poly.type   'polypeptide(L)'
_entity_poly.pdbx_seq_one_letter_code
;ESKLKLSDWFNPFKRPEVVTMTKWKAPVVWEGTYNRAVLDNYYAKQKITVGLTVFAVGRYIEHYLEEFLTSANKHFMVGH
PVIFYIMVDDVSRMPLIELGPLRSFKVFKIKPEKRWQDISMMRMKTIGEHIVAHIQHEVDFLFCMDVDQVFQDKFGVETL
GESVAQLQAWWYKADPNDFTYERRKESAAYIPFGEGDFYYHAAIFGGTPTQVLNITQECFKGILKDKKNDIEAQWHDESH
LNKYFLLNKPTKILSPEYCWDYHIGLPADIKLVKMSWQTKEYNVVRNNV
;
_entity_poly.pdbx_strand_id   A,B
#
loop_
_chem_comp.id
_chem_comp.type
_chem_comp.name
_chem_comp.formula
GLC D-saccharide, alpha linking alpha-D-glucopyranose 'C6 H12 O6'
MN non-polymer 'MANGANESE (II) ION' 'Mn 2'
UDP RNA linking URIDINE-5'-DIPHOSPHATE 'C9 H14 N2 O12 P2'
#
# COMPACT_ATOMS: atom_id res chain seq x y z
N LYS A 3 18.62 -11.09 -17.80
CA LYS A 3 19.89 -10.47 -17.35
C LYS A 3 20.52 -11.27 -16.22
N LEU A 4 19.70 -11.60 -15.22
CA LEU A 4 20.16 -12.37 -14.06
C LEU A 4 20.33 -13.85 -14.37
N LYS A 5 21.50 -14.38 -14.04
CA LYS A 5 21.79 -15.79 -14.27
C LYS A 5 21.86 -16.47 -12.90
N LEU A 6 21.44 -17.73 -12.83
CA LEU A 6 21.45 -18.48 -11.58
C LEU A 6 22.77 -18.38 -10.82
N SER A 7 23.88 -18.63 -11.50
CA SER A 7 25.20 -18.57 -10.88
C SER A 7 25.54 -17.19 -10.33
N ASP A 8 24.82 -16.17 -10.80
CA ASP A 8 25.05 -14.80 -10.32
C ASP A 8 24.77 -14.66 -8.83
N TRP A 9 23.79 -15.41 -8.33
CA TRP A 9 23.40 -15.32 -6.92
C TRP A 9 23.29 -16.64 -6.17
N PHE A 10 23.34 -17.76 -6.88
CA PHE A 10 23.19 -19.07 -6.26
C PHE A 10 24.45 -19.94 -6.30
N ASN A 11 24.91 -20.36 -5.13
CA ASN A 11 26.10 -21.22 -5.04
C ASN A 11 25.71 -22.50 -4.31
N PRO A 12 25.34 -23.55 -5.05
CA PRO A 12 24.94 -24.81 -4.43
C PRO A 12 26.01 -25.49 -3.59
N PHE A 13 27.28 -25.26 -3.90
CA PHE A 13 28.37 -25.89 -3.17
C PHE A 13 28.50 -25.46 -1.71
N LYS A 14 27.81 -24.38 -1.34
CA LYS A 14 27.85 -23.90 0.04
C LYS A 14 27.09 -24.84 0.97
N ARG A 15 26.17 -25.62 0.39
CA ARG A 15 25.38 -26.57 1.16
C ARG A 15 25.41 -27.93 0.46
N PRO A 16 26.56 -28.61 0.52
CA PRO A 16 26.76 -29.92 -0.12
C PRO A 16 25.98 -31.10 0.46
N GLU A 17 25.56 -31.00 1.72
CA GLU A 17 24.85 -32.09 2.38
C GLU A 17 23.34 -32.17 2.12
N VAL A 18 22.81 -31.27 1.30
CA VAL A 18 21.38 -31.28 1.01
C VAL A 18 21.12 -31.13 -0.49
N VAL A 19 19.87 -31.35 -0.90
CA VAL A 19 19.51 -31.22 -2.31
C VAL A 19 19.46 -29.72 -2.64
N THR A 20 20.28 -29.30 -3.59
CA THR A 20 20.34 -27.89 -3.99
C THR A 20 19.91 -27.65 -5.43
N MET A 21 19.72 -28.73 -6.18
CA MET A 21 19.32 -28.63 -7.58
C MET A 21 18.40 -29.77 -7.98
N THR A 22 17.34 -29.44 -8.72
CA THR A 22 16.40 -30.46 -9.17
C THR A 22 16.87 -31.01 -10.51
N LYS A 23 16.30 -32.15 -10.92
CA LYS A 23 16.68 -32.75 -12.19
C LYS A 23 16.32 -31.83 -13.35
N TRP A 24 15.40 -30.88 -13.11
CA TRP A 24 15.01 -29.95 -14.14
C TRP A 24 15.70 -28.60 -13.99
N LYS A 25 16.80 -28.62 -13.24
CA LYS A 25 17.64 -27.45 -13.03
C LYS A 25 17.06 -26.29 -12.21
N ALA A 26 16.07 -26.56 -11.38
CA ALA A 26 15.52 -25.52 -10.52
C ALA A 26 16.33 -25.55 -9.23
N PRO A 27 16.73 -24.38 -8.72
CA PRO A 27 17.51 -24.36 -7.48
C PRO A 27 16.62 -24.54 -6.25
N VAL A 28 17.17 -25.16 -5.20
CA VAL A 28 16.47 -25.34 -3.95
C VAL A 28 17.25 -24.41 -3.03
N VAL A 29 16.62 -23.31 -2.63
CA VAL A 29 17.27 -22.30 -1.81
C VAL A 29 17.44 -22.62 -0.33
N TRP A 30 18.69 -22.82 0.06
CA TRP A 30 19.05 -23.11 1.44
C TRP A 30 19.89 -21.98 2.00
N GLU A 31 19.88 -21.83 3.31
CA GLU A 31 20.67 -20.81 3.97
C GLU A 31 22.13 -21.05 3.62
N GLY A 32 22.79 -20.04 3.05
CA GLY A 32 24.19 -20.18 2.68
C GLY A 32 24.45 -20.21 1.19
N THR A 33 23.44 -20.59 0.42
CA THR A 33 23.57 -20.69 -1.03
C THR A 33 23.24 -19.41 -1.78
N TYR A 34 22.58 -18.47 -1.12
CA TYR A 34 22.17 -17.24 -1.78
C TYR A 34 22.94 -15.97 -1.44
N ASN A 35 23.07 -15.11 -2.45
CA ASN A 35 23.76 -13.82 -2.30
C ASN A 35 22.66 -12.75 -2.38
N ARG A 36 22.05 -12.44 -1.25
CA ARG A 36 20.96 -11.48 -1.21
C ARG A 36 21.35 -10.06 -1.63
N ALA A 37 22.57 -9.65 -1.29
CA ALA A 37 23.05 -8.32 -1.65
C ALA A 37 23.00 -8.12 -3.15
N VAL A 38 23.46 -9.12 -3.89
CA VAL A 38 23.44 -9.06 -5.36
C VAL A 38 22.01 -8.97 -5.87
N LEU A 39 21.12 -9.78 -5.29
CA LEU A 39 19.73 -9.77 -5.71
C LEU A 39 19.00 -8.48 -5.34
N ASP A 40 19.25 -7.96 -4.15
CA ASP A 40 18.60 -6.71 -3.73
C ASP A 40 18.92 -5.59 -4.72
N ASN A 41 20.21 -5.46 -5.06
CA ASN A 41 20.63 -4.44 -6.00
C ASN A 41 19.93 -4.63 -7.33
N TYR A 42 19.94 -5.87 -7.83
CA TYR A 42 19.31 -6.21 -9.10
C TYR A 42 17.83 -5.88 -9.16
N TYR A 43 17.09 -6.30 -8.14
CA TYR A 43 15.65 -6.03 -8.12
C TYR A 43 15.34 -4.57 -7.79
N ALA A 44 16.18 -3.96 -6.97
CA ALA A 44 15.98 -2.56 -6.60
C ALA A 44 16.05 -1.68 -7.84
N LYS A 45 16.91 -2.05 -8.78
CA LYS A 45 17.05 -1.28 -10.01
C LYS A 45 15.84 -1.47 -10.91
N GLN A 46 15.15 -2.59 -10.75
CA GLN A 46 13.96 -2.85 -11.55
C GLN A 46 12.73 -2.28 -10.84
N LYS A 47 12.94 -1.74 -9.64
CA LYS A 47 11.86 -1.17 -8.84
C LYS A 47 10.69 -2.16 -8.79
N ILE A 48 10.92 -3.34 -8.23
CA ILE A 48 9.85 -4.32 -8.14
C ILE A 48 9.04 -4.06 -6.87
N THR A 49 7.86 -4.65 -6.82
CA THR A 49 6.97 -4.57 -5.65
C THR A 49 6.54 -6.02 -5.47
N VAL A 50 6.51 -6.48 -4.22
CA VAL A 50 6.13 -7.86 -3.93
C VAL A 50 4.83 -7.90 -3.14
N GLY A 51 3.92 -8.79 -3.55
CA GLY A 51 2.66 -8.90 -2.86
C GLY A 51 2.63 -10.13 -1.96
N LEU A 52 1.74 -10.11 -0.97
CA LEU A 52 1.61 -11.24 -0.06
C LEU A 52 0.15 -11.35 0.34
N THR A 53 -0.48 -12.47 -0.01
CA THR A 53 -1.88 -12.66 0.36
C THR A 53 -1.96 -13.54 1.59
N VAL A 54 -2.95 -13.28 2.44
CA VAL A 54 -3.14 -14.08 3.63
C VAL A 54 -4.61 -14.04 3.98
N PHE A 55 -5.16 -15.23 4.28
CA PHE A 55 -6.55 -15.37 4.64
C PHE A 55 -6.69 -15.65 6.13
N ALA A 56 -7.72 -15.08 6.74
CA ALA A 56 -8.01 -15.29 8.15
C ALA A 56 -9.52 -15.26 8.27
N VAL A 57 -10.12 -16.44 8.34
CA VAL A 57 -11.58 -16.56 8.44
C VAL A 57 -11.91 -17.22 9.78
N GLY A 58 -12.89 -16.66 10.49
CA GLY A 58 -13.25 -17.23 11.77
C GLY A 58 -12.25 -16.84 12.84
N ARG A 59 -12.03 -17.73 13.81
CA ARG A 59 -11.12 -17.45 14.91
C ARG A 59 -9.63 -17.43 14.55
N TYR A 60 -9.33 -17.73 13.29
CA TYR A 60 -7.94 -17.69 12.83
C TYR A 60 -7.50 -16.23 12.92
N ILE A 61 -8.46 -15.31 12.80
CA ILE A 61 -8.17 -13.88 12.88
C ILE A 61 -7.52 -13.53 14.21
N GLU A 62 -8.26 -13.74 15.31
CA GLU A 62 -7.75 -13.43 16.63
C GLU A 62 -6.54 -14.27 17.04
N HIS A 63 -6.49 -15.50 16.61
CA HIS A 63 -5.38 -16.38 16.98
C HIS A 63 -4.07 -16.15 16.23
N TYR A 64 -4.14 -15.77 14.96
CA TYR A 64 -2.89 -15.64 14.20
C TYR A 64 -2.63 -14.42 13.30
N LEU A 65 -3.66 -13.65 12.97
CA LEU A 65 -3.43 -12.55 12.04
C LEU A 65 -2.45 -11.46 12.48
N GLU A 66 -2.58 -10.98 13.72
CA GLU A 66 -1.67 -9.94 14.19
C GLU A 66 -0.21 -10.41 14.19
N GLU A 67 0.03 -11.59 14.75
CA GLU A 67 1.39 -12.13 14.82
C GLU A 67 2.00 -12.30 13.44
N PHE A 68 1.18 -12.76 12.48
CA PHE A 68 1.64 -12.96 11.11
C PHE A 68 2.02 -11.63 10.48
N LEU A 69 1.11 -10.67 10.55
CA LEU A 69 1.34 -9.36 9.96
C LEU A 69 2.51 -8.62 10.60
N THR A 70 2.62 -8.70 11.92
CA THR A 70 3.70 -8.02 12.60
C THR A 70 5.07 -8.59 12.21
N SER A 71 5.15 -9.92 12.08
CA SER A 71 6.42 -10.55 11.71
C SER A 71 6.73 -10.33 10.24
N ALA A 72 5.69 -10.27 9.41
CA ALA A 72 5.87 -10.06 7.97
C ALA A 72 6.40 -8.65 7.71
N ASN A 73 5.85 -7.68 8.45
CA ASN A 73 6.26 -6.30 8.33
C ASN A 73 7.76 -6.19 8.59
N LYS A 74 8.22 -6.94 9.59
CA LYS A 74 9.62 -6.94 9.99
C LYS A 74 10.62 -7.74 9.14
N HIS A 75 10.18 -8.83 8.54
CA HIS A 75 11.09 -9.71 7.80
C HIS A 75 10.92 -9.95 6.30
N PHE A 76 9.73 -9.68 5.78
CA PHE A 76 9.43 -9.95 4.38
C PHE A 76 9.90 -8.92 3.36
N MET A 77 10.82 -9.34 2.49
CA MET A 77 11.32 -8.47 1.43
C MET A 77 11.72 -7.07 1.91
N VAL A 78 12.47 -7.00 3.00
CA VAL A 78 12.87 -5.70 3.52
C VAL A 78 13.75 -4.99 2.48
N GLY A 79 13.49 -3.70 2.30
CA GLY A 79 14.24 -2.92 1.34
C GLY A 79 13.48 -2.76 0.03
N HIS A 80 12.32 -3.40 -0.06
CA HIS A 80 11.52 -3.35 -1.28
C HIS A 80 10.06 -3.07 -0.95
N PRO A 81 9.35 -2.37 -1.85
CA PRO A 81 7.94 -2.07 -1.63
C PRO A 81 7.15 -3.37 -1.52
N VAL A 82 6.28 -3.47 -0.52
CA VAL A 82 5.49 -4.66 -0.31
C VAL A 82 4.04 -4.29 -0.03
N ILE A 83 3.12 -5.08 -0.55
CA ILE A 83 1.69 -4.86 -0.31
C ILE A 83 1.10 -6.12 0.30
N PHE A 84 0.48 -5.97 1.47
CA PHE A 84 -0.14 -7.10 2.15
C PHE A 84 -1.62 -7.10 1.78
N TYR A 85 -2.08 -8.22 1.21
CA TYR A 85 -3.47 -8.37 0.83
C TYR A 85 -4.13 -9.26 1.87
N ILE A 86 -4.96 -8.66 2.70
CA ILE A 86 -5.62 -9.37 3.79
C ILE A 86 -7.08 -9.72 3.49
N MET A 87 -7.39 -11.01 3.49
CA MET A 87 -8.74 -11.48 3.23
C MET A 87 -9.34 -12.03 4.51
N VAL A 88 -10.36 -11.35 5.02
CA VAL A 88 -11.04 -11.76 6.25
C VAL A 88 -12.55 -11.76 6.04
N ASP A 89 -13.27 -12.51 6.88
CA ASP A 89 -14.71 -12.57 6.74
C ASP A 89 -15.39 -11.49 7.57
N ASP A 90 -14.65 -10.89 8.49
CA ASP A 90 -15.17 -9.83 9.35
C ASP A 90 -14.10 -8.75 9.51
N VAL A 91 -14.25 -7.66 8.77
CA VAL A 91 -13.28 -6.56 8.81
C VAL A 91 -13.19 -5.83 10.15
N SER A 92 -14.27 -5.86 10.93
CA SER A 92 -14.28 -5.16 12.22
C SER A 92 -13.29 -5.78 13.21
N ARG A 93 -12.87 -7.01 12.96
CA ARG A 93 -11.92 -7.69 13.84
C ARG A 93 -10.49 -7.65 13.31
N MET A 94 -10.30 -6.87 12.24
CA MET A 94 -9.01 -6.69 11.60
C MET A 94 -8.04 -5.96 12.52
N PRO A 95 -6.93 -6.60 12.91
CA PRO A 95 -5.95 -5.95 13.79
C PRO A 95 -5.03 -5.00 13.01
N LEU A 96 -5.38 -3.72 12.97
CA LEU A 96 -4.58 -2.73 12.25
C LEU A 96 -3.29 -2.40 13.01
N ILE A 97 -2.20 -3.04 12.63
CA ILE A 97 -0.92 -2.79 13.27
C ILE A 97 -0.21 -1.67 12.54
N GLU A 98 0.83 -1.12 13.16
CA GLU A 98 1.57 -0.07 12.50
C GLU A 98 2.55 -0.75 11.55
N LEU A 99 2.65 -0.24 10.34
CA LEU A 99 3.56 -0.82 9.36
C LEU A 99 4.79 0.05 9.23
N GLY A 100 5.88 -0.53 8.76
CA GLY A 100 7.11 0.21 8.61
C GLY A 100 7.38 0.70 7.20
N PRO A 101 8.57 1.28 6.95
CA PRO A 101 8.95 1.79 5.63
C PRO A 101 8.73 0.74 4.55
N LEU A 102 8.17 1.18 3.43
CA LEU A 102 7.92 0.33 2.26
C LEU A 102 6.84 -0.74 2.39
N ARG A 103 6.10 -0.72 3.49
CA ARG A 103 5.00 -1.66 3.67
C ARG A 103 3.69 -0.89 3.56
N SER A 104 2.67 -1.51 2.98
CA SER A 104 1.35 -0.90 2.88
C SER A 104 0.39 -2.07 2.74
N PHE A 105 -0.92 -1.81 2.75
CA PHE A 105 -1.83 -2.93 2.62
C PHE A 105 -3.24 -2.54 2.24
N LYS A 106 -4.07 -3.56 2.07
CA LYS A 106 -5.49 -3.37 1.80
C LYS A 106 -6.22 -4.61 2.23
N VAL A 107 -7.42 -4.41 2.74
CA VAL A 107 -8.24 -5.48 3.27
C VAL A 107 -9.47 -5.73 2.43
N PHE A 108 -9.85 -6.99 2.31
CA PHE A 108 -11.04 -7.39 1.56
C PHE A 108 -11.93 -8.27 2.42
N LYS A 109 -13.23 -8.02 2.36
CA LYS A 109 -14.20 -8.82 3.10
C LYS A 109 -14.62 -9.96 2.18
N ILE A 110 -14.50 -11.19 2.66
CA ILE A 110 -14.90 -12.34 1.86
C ILE A 110 -15.96 -13.15 2.57
N LYS A 111 -16.63 -14.02 1.81
CA LYS A 111 -17.67 -14.88 2.36
C LYS A 111 -17.03 -16.05 3.10
N PRO A 112 -17.50 -16.36 4.31
CA PRO A 112 -16.92 -17.47 5.05
C PRO A 112 -17.58 -18.79 4.60
N GLU A 113 -16.79 -19.72 4.10
CA GLU A 113 -17.35 -21.00 3.67
C GLU A 113 -17.77 -21.79 4.90
N LYS A 114 -18.76 -22.66 4.76
CA LYS A 114 -19.29 -23.45 5.86
C LYS A 114 -18.28 -24.41 6.50
N ARG A 115 -17.59 -25.17 5.65
CA ARG A 115 -16.60 -26.14 6.13
C ARG A 115 -15.20 -25.53 6.03
N TRP A 116 -14.39 -25.74 7.06
CA TRP A 116 -13.03 -25.21 7.04
C TRP A 116 -12.26 -25.76 5.84
N GLN A 117 -12.63 -26.97 5.41
CA GLN A 117 -11.97 -27.58 4.27
C GLN A 117 -12.19 -26.72 3.03
N ASP A 118 -13.39 -26.17 2.91
CA ASP A 118 -13.69 -25.31 1.77
C ASP A 118 -13.12 -23.91 1.95
N ILE A 119 -12.93 -23.49 3.20
CA ILE A 119 -12.35 -22.19 3.44
C ILE A 119 -10.92 -22.25 2.92
N SER A 120 -10.24 -23.34 3.24
CA SER A 120 -8.85 -23.52 2.80
C SER A 120 -8.75 -23.65 1.28
N MET A 121 -9.65 -24.43 0.69
CA MET A 121 -9.64 -24.63 -0.76
C MET A 121 -10.15 -23.46 -1.58
N MET A 122 -11.14 -22.74 -1.08
CA MET A 122 -11.70 -21.60 -1.83
C MET A 122 -10.67 -20.50 -2.05
N ARG A 123 -9.59 -20.53 -1.29
CA ARG A 123 -8.54 -19.52 -1.43
C ARG A 123 -8.01 -19.53 -2.85
N MET A 124 -8.01 -20.71 -3.48
CA MET A 124 -7.51 -20.83 -4.83
C MET A 124 -8.36 -20.02 -5.81
N LYS A 125 -9.68 -20.08 -5.64
CA LYS A 125 -10.58 -19.33 -6.52
C LYS A 125 -10.42 -17.84 -6.27
N THR A 126 -10.51 -17.47 -5.01
CA THR A 126 -10.38 -16.08 -4.59
C THR A 126 -9.08 -15.40 -5.04
N ILE A 127 -7.94 -16.03 -4.77
CA ILE A 127 -6.65 -15.45 -5.16
C ILE A 127 -6.63 -15.16 -6.65
N GLY A 128 -7.16 -16.09 -7.44
CA GLY A 128 -7.17 -15.90 -8.88
C GLY A 128 -7.97 -14.68 -9.29
N GLU A 129 -9.16 -14.53 -8.72
CA GLU A 129 -10.02 -13.39 -9.02
C GLU A 129 -9.32 -12.08 -8.71
N HIS A 130 -8.63 -12.03 -7.57
CA HIS A 130 -7.92 -10.82 -7.20
C HIS A 130 -6.71 -10.54 -8.10
N ILE A 131 -6.04 -11.60 -8.54
CA ILE A 131 -4.89 -11.40 -9.43
C ILE A 131 -5.37 -10.73 -10.71
N VAL A 132 -6.45 -11.26 -11.28
CA VAL A 132 -7.01 -10.69 -12.51
C VAL A 132 -7.53 -9.27 -12.26
N ALA A 133 -8.25 -9.08 -11.16
CA ALA A 133 -8.82 -7.79 -10.85
C ALA A 133 -7.81 -6.68 -10.53
N HIS A 134 -6.75 -6.99 -9.79
CA HIS A 134 -5.80 -5.93 -9.46
C HIS A 134 -4.35 -6.31 -9.15
N ILE A 135 -4.12 -7.44 -8.51
CA ILE A 135 -2.76 -7.83 -8.15
C ILE A 135 -1.81 -7.88 -9.35
N GLN A 136 -2.29 -8.34 -10.50
CA GLN A 136 -1.42 -8.40 -11.67
C GLN A 136 -0.88 -7.03 -12.05
N HIS A 137 -1.64 -5.97 -11.73
CA HIS A 137 -1.24 -4.61 -12.05
C HIS A 137 -0.44 -3.93 -10.94
N GLU A 138 -0.41 -4.56 -9.77
CA GLU A 138 0.27 -3.96 -8.62
C GLU A 138 1.63 -4.50 -8.22
N VAL A 139 1.90 -5.78 -8.48
CA VAL A 139 3.17 -6.36 -8.07
C VAL A 139 3.85 -7.19 -9.16
N ASP A 140 5.14 -7.42 -8.97
CA ASP A 140 5.94 -8.20 -9.91
C ASP A 140 5.97 -9.67 -9.48
N PHE A 141 5.93 -9.89 -8.18
CA PHE A 141 5.92 -11.24 -7.62
C PHE A 141 4.89 -11.25 -6.50
N LEU A 142 4.31 -12.41 -6.27
CA LEU A 142 3.28 -12.57 -5.24
C LEU A 142 3.49 -13.87 -4.50
N PHE A 143 3.29 -13.84 -3.18
CA PHE A 143 3.39 -15.02 -2.37
C PHE A 143 2.03 -15.18 -1.70
N CYS A 144 1.57 -16.41 -1.59
CA CYS A 144 0.30 -16.72 -0.97
C CYS A 144 0.64 -17.60 0.23
N MET A 145 0.28 -17.17 1.43
CA MET A 145 0.63 -17.90 2.63
C MET A 145 -0.49 -18.16 3.62
N ASP A 146 -0.31 -19.21 4.41
CA ASP A 146 -1.23 -19.59 5.49
C ASP A 146 -1.03 -18.52 6.55
N VAL A 147 -2.03 -18.31 7.41
CA VAL A 147 -1.90 -17.30 8.45
C VAL A 147 -1.31 -17.87 9.74
N ASP A 148 -1.42 -19.18 9.92
CA ASP A 148 -0.94 -19.86 11.13
C ASP A 148 0.56 -20.13 11.20
N GLN A 149 1.36 -19.10 10.93
CA GLN A 149 2.81 -19.20 10.97
C GLN A 149 3.37 -17.82 11.28
N VAL A 150 4.66 -17.75 11.62
N VAL A 150 4.66 -17.74 11.61
CA VAL A 150 5.28 -16.46 11.93
CA VAL A 150 5.30 -16.49 11.98
C VAL A 150 6.69 -16.34 11.35
C VAL A 150 6.71 -16.34 11.37
N PHE A 151 6.99 -15.18 10.78
CA PHE A 151 8.31 -14.94 10.19
C PHE A 151 9.30 -14.81 11.36
N GLN A 152 10.46 -15.47 11.24
CA GLN A 152 11.47 -15.43 12.30
C GLN A 152 12.73 -14.69 11.88
N ASP A 153 12.95 -14.56 10.58
CA ASP A 153 14.13 -13.87 10.10
C ASP A 153 13.89 -13.44 8.65
N LYS A 154 14.90 -12.80 8.06
CA LYS A 154 14.77 -12.31 6.70
C LYS A 154 14.31 -13.35 5.69
N PHE A 155 13.21 -13.01 5.01
CA PHE A 155 12.58 -13.84 3.98
C PHE A 155 12.63 -12.85 2.82
N GLY A 156 13.74 -12.84 2.08
CA GLY A 156 13.89 -11.87 1.01
C GLY A 156 13.83 -12.24 -0.46
N VAL A 157 14.40 -11.36 -1.28
CA VAL A 157 14.41 -11.52 -2.73
C VAL A 157 15.00 -12.83 -3.26
N GLU A 158 15.75 -13.54 -2.43
CA GLU A 158 16.33 -14.80 -2.86
C GLU A 158 15.25 -15.85 -3.08
N THR A 159 14.03 -15.56 -2.64
CA THR A 159 12.92 -16.50 -2.80
C THR A 159 12.05 -16.22 -4.02
N LEU A 160 12.31 -15.11 -4.71
CA LEU A 160 11.52 -14.74 -5.88
C LEU A 160 11.78 -15.61 -7.12
N GLY A 161 10.74 -15.83 -7.93
CA GLY A 161 10.88 -16.63 -9.14
C GLY A 161 9.57 -16.73 -9.90
N GLU A 162 9.61 -17.31 -11.10
CA GLU A 162 8.42 -17.48 -11.93
C GLU A 162 7.33 -18.25 -11.18
N SER A 163 7.72 -19.39 -10.59
CA SER A 163 6.82 -20.23 -9.80
C SER A 163 7.67 -20.76 -8.66
N VAL A 164 7.22 -20.54 -7.42
CA VAL A 164 7.97 -20.95 -6.24
C VAL A 164 7.21 -21.91 -5.36
N ALA A 165 7.87 -23.00 -4.98
CA ALA A 165 7.27 -24.02 -4.12
C ALA A 165 8.06 -24.15 -2.81
N GLN A 166 7.38 -24.62 -1.77
CA GLN A 166 7.98 -24.80 -0.46
C GLN A 166 8.11 -26.27 -0.08
N LEU A 167 9.30 -26.71 0.34
CA LEU A 167 9.46 -28.10 0.76
C LEU A 167 8.83 -28.26 2.14
N GLN A 168 7.94 -29.24 2.29
CA GLN A 168 7.29 -29.46 3.58
C GLN A 168 8.31 -30.02 4.59
N ALA A 169 8.37 -29.38 5.76
CA ALA A 169 9.30 -29.74 6.84
C ALA A 169 9.44 -31.19 7.29
N TRP A 170 8.34 -31.94 7.29
N TRP A 170 8.32 -31.93 7.28
CA TRP A 170 8.40 -33.34 7.74
CA TRP A 170 8.33 -33.33 7.71
C TRP A 170 8.85 -34.33 6.67
C TRP A 170 8.83 -34.32 6.68
N TRP A 171 8.64 -34.01 5.40
CA TRP A 171 9.03 -34.94 4.34
C TRP A 171 10.17 -34.61 3.38
N TYR A 172 10.95 -33.59 3.66
CA TYR A 172 12.02 -33.22 2.73
C TYR A 172 13.10 -34.29 2.51
N LYS A 173 13.23 -35.23 3.43
CA LYS A 173 14.23 -36.28 3.28
C LYS A 173 13.62 -37.63 2.91
N ALA A 174 12.30 -37.70 2.88
CA ALA A 174 11.64 -38.96 2.55
C ALA A 174 11.63 -39.28 1.06
N ASP A 175 11.28 -40.51 0.73
CA ASP A 175 11.20 -40.95 -0.65
C ASP A 175 9.77 -40.70 -1.11
N PRO A 176 9.58 -40.42 -2.41
CA PRO A 176 8.27 -40.16 -3.00
C PRO A 176 7.16 -41.14 -2.62
N ASN A 177 7.48 -42.43 -2.58
CA ASN A 177 6.45 -43.41 -2.23
C ASN A 177 6.01 -43.31 -0.78
N ASP A 178 6.67 -42.47 0.01
CA ASP A 178 6.28 -42.27 1.39
C ASP A 178 5.48 -40.97 1.52
N PHE A 179 5.52 -40.13 0.49
CA PHE A 179 4.80 -38.85 0.48
C PHE A 179 3.30 -39.05 0.65
N THR A 180 2.65 -38.13 1.36
CA THR A 180 1.21 -38.22 1.57
C THR A 180 0.40 -37.59 0.43
N TYR A 181 0.72 -37.98 -0.80
CA TYR A 181 -0.01 -37.49 -1.97
C TYR A 181 -1.37 -38.16 -1.93
N GLU A 182 -2.31 -37.63 -2.71
CA GLU A 182 -3.64 -38.25 -2.81
C GLU A 182 -3.34 -39.48 -3.66
N ARG A 183 -3.80 -40.65 -3.23
CA ARG A 183 -3.52 -41.89 -3.97
C ARG A 183 -4.71 -42.54 -4.66
N ARG A 184 -5.88 -41.91 -4.58
CA ARG A 184 -7.08 -42.47 -5.21
C ARG A 184 -7.22 -41.93 -6.64
N LYS A 185 -7.18 -42.82 -7.62
CA LYS A 185 -7.29 -42.42 -9.02
C LYS A 185 -8.55 -41.62 -9.36
N GLU A 186 -9.57 -41.72 -8.52
CA GLU A 186 -10.83 -41.00 -8.74
C GLU A 186 -10.69 -39.49 -8.55
N SER A 187 -9.63 -39.07 -7.87
CA SER A 187 -9.39 -37.65 -7.62
C SER A 187 -8.47 -37.00 -8.64
N ALA A 188 -8.76 -35.75 -8.97
CA ALA A 188 -7.96 -35.00 -9.92
C ALA A 188 -6.56 -34.75 -9.38
N ALA A 189 -6.39 -34.90 -8.06
CA ALA A 189 -5.10 -34.67 -7.42
C ALA A 189 -4.23 -35.92 -7.34
N TYR A 190 -4.75 -37.02 -7.90
CA TYR A 190 -4.05 -38.30 -7.89
C TYR A 190 -2.63 -38.31 -8.43
N ILE A 191 -1.73 -38.91 -7.67
CA ILE A 191 -0.33 -39.07 -8.08
C ILE A 191 0.00 -40.54 -7.80
N PRO A 192 0.25 -41.33 -8.86
CA PRO A 192 0.57 -42.75 -8.73
C PRO A 192 1.87 -43.02 -8.00
N PHE A 193 1.94 -44.15 -7.30
CA PHE A 193 3.18 -44.50 -6.63
C PHE A 193 4.18 -44.66 -7.78
N GLY A 194 5.44 -44.30 -7.53
CA GLY A 194 6.44 -44.40 -8.59
C GLY A 194 6.63 -43.05 -9.28
N GLU A 195 5.82 -42.06 -8.91
CA GLU A 195 5.92 -40.73 -9.49
C GLU A 195 6.02 -39.66 -8.40
N GLY A 196 6.58 -38.51 -8.75
CA GLY A 196 6.71 -37.42 -7.80
C GLY A 196 8.15 -37.01 -7.55
N ASP A 197 8.36 -35.71 -7.33
CA ASP A 197 9.70 -35.18 -7.07
C ASP A 197 9.88 -34.83 -5.60
N PHE A 198 8.96 -34.03 -5.06
CA PHE A 198 9.02 -33.63 -3.64
C PHE A 198 7.61 -33.48 -3.08
N TYR A 199 7.52 -33.30 -1.77
CA TYR A 199 6.22 -33.05 -1.17
C TYR A 199 6.24 -31.57 -0.79
N TYR A 200 5.45 -30.80 -1.51
CA TYR A 200 5.38 -29.36 -1.28
C TYR A 200 4.32 -28.99 -0.26
N HIS A 201 4.64 -27.98 0.56
CA HIS A 201 3.74 -27.51 1.60
C HIS A 201 2.85 -26.41 1.00
N ALA A 202 1.53 -26.51 1.22
CA ALA A 202 0.62 -25.51 0.68
C ALA A 202 0.57 -24.23 1.50
N ALA A 203 1.30 -24.20 2.61
CA ALA A 203 1.35 -23.02 3.47
C ALA A 203 2.09 -21.86 2.82
N ILE A 204 2.90 -22.15 1.80
CA ILE A 204 3.63 -21.11 1.10
C ILE A 204 3.85 -21.47 -0.36
N PHE A 205 3.51 -20.56 -1.26
CA PHE A 205 3.75 -20.76 -2.68
C PHE A 205 3.64 -19.39 -3.34
N GLY A 206 4.36 -19.20 -4.45
CA GLY A 206 4.30 -17.91 -5.11
C GLY A 206 4.85 -17.93 -6.51
N GLY A 207 5.14 -16.74 -7.02
CA GLY A 207 5.69 -16.60 -8.37
C GLY A 207 5.18 -15.30 -8.95
N THR A 208 5.23 -15.16 -10.27
CA THR A 208 4.74 -13.94 -10.89
C THR A 208 3.22 -14.06 -10.87
N PRO A 209 2.51 -12.93 -10.97
CA PRO A 209 1.04 -12.99 -10.95
C PRO A 209 0.50 -13.95 -12.01
N THR A 210 1.12 -13.97 -13.18
CA THR A 210 0.69 -14.85 -14.26
C THR A 210 0.78 -16.31 -13.85
N GLN A 211 1.90 -16.69 -13.25
CA GLN A 211 2.09 -18.08 -12.83
C GLN A 211 1.20 -18.48 -11.66
N VAL A 212 1.05 -17.60 -10.68
CA VAL A 212 0.21 -17.92 -9.53
C VAL A 212 -1.23 -18.03 -9.96
N LEU A 213 -1.60 -17.25 -10.98
CA LEU A 213 -2.96 -17.30 -11.49
C LEU A 213 -3.25 -18.70 -12.06
N ASN A 214 -2.27 -19.26 -12.76
CA ASN A 214 -2.45 -20.58 -13.35
C ASN A 214 -2.42 -21.66 -12.26
N ILE A 215 -1.55 -21.49 -11.27
CA ILE A 215 -1.45 -22.44 -10.16
C ILE A 215 -2.80 -22.53 -9.48
N THR A 216 -3.31 -21.37 -9.07
CA THR A 216 -4.59 -21.29 -8.38
C THR A 216 -5.78 -21.70 -9.24
N GLN A 217 -5.77 -21.33 -10.52
CA GLN A 217 -6.86 -21.70 -11.41
C GLN A 217 -6.93 -23.21 -11.65
N GLU A 218 -5.78 -23.82 -11.89
CA GLU A 218 -5.73 -25.26 -12.14
C GLU A 218 -6.09 -26.04 -10.89
N CYS A 219 -5.61 -25.58 -9.74
CA CYS A 219 -5.91 -26.26 -8.48
C CYS A 219 -7.41 -26.20 -8.18
N PHE A 220 -8.03 -25.05 -8.44
CA PHE A 220 -9.45 -24.95 -8.16
C PHE A 220 -10.27 -25.77 -9.14
N LYS A 221 -9.79 -25.92 -10.37
CA LYS A 221 -10.50 -26.74 -11.35
C LYS A 221 -10.50 -28.19 -10.85
N GLY A 222 -9.39 -28.61 -10.24
CA GLY A 222 -9.30 -29.96 -9.70
C GLY A 222 -10.21 -30.13 -8.49
N ILE A 223 -10.28 -29.09 -7.68
CA ILE A 223 -11.13 -29.10 -6.49
C ILE A 223 -12.61 -29.21 -6.89
N LEU A 224 -13.00 -28.46 -7.92
CA LEU A 224 -14.38 -28.48 -8.39
C LEU A 224 -14.72 -29.83 -9.03
N LYS A 225 -13.80 -30.37 -9.80
CA LYS A 225 -13.99 -31.65 -10.45
C LYS A 225 -14.25 -32.75 -9.42
N ASP A 226 -13.42 -32.79 -8.39
CA ASP A 226 -13.60 -33.80 -7.34
C ASP A 226 -14.99 -33.69 -6.72
N LYS A 227 -15.47 -32.47 -6.53
CA LYS A 227 -16.80 -32.28 -5.95
C LYS A 227 -17.87 -32.92 -6.82
N LYS A 228 -17.68 -32.85 -8.14
CA LYS A 228 -18.64 -33.43 -9.07
C LYS A 228 -18.55 -34.95 -9.08
N ASN A 229 -17.41 -35.48 -8.63
CA ASN A 229 -17.21 -36.91 -8.57
C ASN A 229 -17.28 -37.42 -7.13
N ASP A 230 -17.94 -36.64 -6.29
CA ASP A 230 -18.14 -36.96 -4.88
C ASP A 230 -16.90 -37.51 -4.18
N ILE A 231 -15.81 -36.77 -4.25
CA ILE A 231 -14.58 -37.16 -3.59
C ILE A 231 -13.84 -35.88 -3.19
N GLU A 232 -13.11 -35.94 -2.07
CA GLU A 232 -12.34 -34.79 -1.61
C GLU A 232 -10.93 -35.25 -1.27
N ALA A 233 -9.94 -34.63 -1.91
CA ALA A 233 -8.55 -35.00 -1.70
C ALA A 233 -8.21 -35.06 -0.21
N GLN A 234 -7.40 -36.05 0.16
CA GLN A 234 -6.99 -36.25 1.55
C GLN A 234 -6.47 -34.98 2.20
N TRP A 235 -5.58 -34.28 1.51
CA TRP A 235 -5.02 -33.05 2.08
C TRP A 235 -5.49 -31.79 1.36
N HIS A 236 -6.69 -31.87 0.82
CA HIS A 236 -7.35 -30.75 0.16
C HIS A 236 -6.49 -29.98 -0.83
N ASP A 237 -6.48 -28.65 -0.74
CA ASP A 237 -5.70 -27.87 -1.69
C ASP A 237 -4.23 -28.27 -1.78
N GLU A 238 -3.66 -28.80 -0.70
CA GLU A 238 -2.26 -29.22 -0.72
C GLU A 238 -2.07 -30.41 -1.65
N SER A 239 -3.05 -31.30 -1.68
CA SER A 239 -2.98 -32.47 -2.55
C SER A 239 -2.98 -32.00 -3.99
N HIS A 240 -3.85 -31.04 -4.29
CA HIS A 240 -3.96 -30.48 -5.64
C HIS A 240 -2.72 -29.69 -6.01
N LEU A 241 -2.19 -28.93 -5.06
CA LEU A 241 -0.99 -28.14 -5.32
C LEU A 241 0.15 -29.07 -5.70
N ASN A 242 0.24 -30.20 -5.01
CA ASN A 242 1.30 -31.16 -5.31
C ASN A 242 1.12 -31.76 -6.70
N LYS A 243 -0.13 -31.99 -7.10
CA LYS A 243 -0.39 -32.54 -8.43
C LYS A 243 0.01 -31.49 -9.47
N TYR A 244 -0.31 -30.22 -9.20
CA TYR A 244 0.05 -29.14 -10.12
C TYR A 244 1.56 -29.01 -10.31
N PHE A 245 2.30 -28.98 -9.22
CA PHE A 245 3.74 -28.85 -9.28
C PHE A 245 4.45 -30.07 -9.85
N LEU A 246 3.75 -31.20 -9.94
CA LEU A 246 4.33 -32.39 -10.52
C LEU A 246 4.29 -32.17 -12.03
N LEU A 247 3.12 -31.74 -12.52
CA LEU A 247 2.89 -31.49 -13.94
C LEU A 247 3.60 -30.23 -14.44
N ASN A 248 3.60 -29.19 -13.61
CA ASN A 248 4.24 -27.93 -13.94
C ASN A 248 5.30 -27.65 -12.89
N LYS A 249 6.52 -28.15 -13.14
CA LYS A 249 7.63 -28.00 -12.22
C LYS A 249 7.89 -26.56 -11.80
N PRO A 250 8.13 -26.33 -10.49
CA PRO A 250 8.39 -24.98 -10.01
C PRO A 250 9.78 -24.55 -10.48
N THR A 251 9.95 -23.28 -10.80
CA THR A 251 11.25 -22.78 -11.25
C THR A 251 12.18 -22.54 -10.07
N LYS A 252 11.63 -22.61 -8.86
CA LYS A 252 12.43 -22.42 -7.65
C LYS A 252 11.75 -23.09 -6.46
N ILE A 253 12.55 -23.69 -5.58
CA ILE A 253 12.04 -24.37 -4.39
C ILE A 253 12.72 -23.80 -3.14
N LEU A 254 11.97 -23.66 -2.06
CA LEU A 254 12.52 -23.14 -0.81
C LEU A 254 12.76 -24.31 0.15
N SER A 255 13.88 -24.25 0.89
CA SER A 255 14.20 -25.32 1.83
C SER A 255 13.25 -25.21 3.04
N PRO A 256 13.21 -26.24 3.88
CA PRO A 256 12.35 -26.25 5.09
C PRO A 256 12.70 -25.12 6.05
N GLU A 257 13.84 -24.48 5.83
CA GLU A 257 14.26 -23.37 6.68
C GLU A 257 13.27 -22.23 6.49
N TYR A 258 12.60 -22.20 5.35
CA TYR A 258 11.64 -21.13 5.07
C TYR A 258 10.22 -21.41 5.60
N CYS A 259 10.03 -22.57 6.21
CA CYS A 259 8.72 -22.93 6.79
C CYS A 259 8.97 -24.16 7.66
N TRP A 260 9.56 -23.90 8.84
CA TRP A 260 9.92 -24.96 9.76
C TRP A 260 8.96 -25.22 10.92
N ASP A 261 8.86 -26.49 11.31
CA ASP A 261 8.00 -26.89 12.42
C ASP A 261 8.90 -27.25 13.59
N TYR A 262 8.97 -26.38 14.59
CA TYR A 262 9.81 -26.63 15.74
C TYR A 262 9.46 -27.87 16.54
N HIS A 263 8.31 -28.47 16.26
CA HIS A 263 7.93 -29.68 16.97
C HIS A 263 8.95 -30.76 16.64
N ILE A 264 9.56 -30.64 15.46
CA ILE A 264 10.56 -31.60 14.99
C ILE A 264 11.87 -31.42 15.74
N GLY A 265 12.07 -30.23 16.27
CA GLY A 265 13.31 -29.91 16.97
C GLY A 265 14.07 -29.03 16.00
N LEU A 266 15.40 -29.03 16.07
CA LEU A 266 16.19 -28.23 15.16
C LEU A 266 17.41 -29.04 14.74
N PRO A 267 17.26 -29.85 13.68
CA PRO A 267 18.37 -30.67 13.19
C PRO A 267 19.46 -29.88 12.47
N ALA A 268 20.58 -30.53 12.19
CA ALA A 268 21.71 -29.89 11.54
C ALA A 268 21.40 -29.17 10.21
N ASP A 269 20.55 -29.78 9.39
CA ASP A 269 20.19 -29.19 8.10
C ASP A 269 19.51 -27.84 8.16
N ILE A 270 18.86 -27.53 9.28
CA ILE A 270 18.15 -26.25 9.43
C ILE A 270 19.05 -25.22 10.11
N LYS A 271 19.78 -24.47 9.31
CA LYS A 271 20.73 -23.47 9.80
C LYS A 271 20.14 -22.16 10.33
N LEU A 272 19.20 -21.58 9.60
CA LEU A 272 18.57 -20.32 10.02
C LEU A 272 17.11 -20.30 9.60
N VAL A 273 16.21 -20.39 10.58
CA VAL A 273 14.78 -20.39 10.33
C VAL A 273 14.24 -19.03 9.92
N LYS A 274 13.55 -18.97 8.78
CA LYS A 274 12.98 -17.72 8.30
C LYS A 274 11.50 -17.64 8.68
N MET A 275 10.87 -18.80 8.85
CA MET A 275 9.46 -18.88 9.21
C MET A 275 9.19 -20.16 10.00
N SER A 276 8.29 -20.06 10.98
CA SER A 276 7.96 -21.22 11.79
C SER A 276 6.44 -21.40 11.92
N TRP A 277 6.05 -22.66 12.06
CA TRP A 277 4.65 -23.06 12.22
C TRP A 277 4.10 -22.63 13.57
N GLN A 278 2.80 -22.36 13.62
CA GLN A 278 2.12 -22.03 14.86
C GLN A 278 1.55 -23.36 15.35
N THR A 279 1.56 -23.58 16.65
CA THR A 279 1.02 -24.82 17.21
C THR A 279 -0.43 -24.92 16.75
N LYS A 280 -0.90 -26.13 16.46
CA LYS A 280 -2.27 -26.30 16.00
C LYS A 280 -3.27 -26.13 17.15
N GLU A 281 -4.40 -25.50 16.85
CA GLU A 281 -5.45 -25.25 17.85
C GLU A 281 -6.82 -25.48 17.22
N TYR A 282 -6.97 -26.58 16.48
CA TYR A 282 -8.21 -26.93 15.79
C TYR A 282 -9.48 -26.91 16.64
N ASN A 283 -9.38 -27.36 17.89
CA ASN A 283 -10.55 -27.39 18.77
C ASN A 283 -11.21 -26.02 18.86
N VAL A 284 -10.40 -24.97 18.74
CA VAL A 284 -10.92 -23.61 18.85
C VAL A 284 -11.11 -22.91 17.50
N VAL A 285 -10.10 -22.96 16.63
CA VAL A 285 -10.17 -22.28 15.35
C VAL A 285 -11.05 -22.92 14.26
N ARG A 286 -11.33 -24.20 14.38
CA ARG A 286 -12.18 -24.88 13.41
C ARG A 286 -13.51 -25.23 14.07
N ASN A 287 -14.60 -25.22 13.30
CA ASN A 287 -15.92 -25.50 13.86
C ASN A 287 -16.63 -26.71 13.25
N ASN A 288 -15.93 -27.50 12.46
CA ASN A 288 -16.53 -28.69 11.86
C ASN A 288 -15.51 -29.81 11.67
N VAL A 289 -16.00 -31.05 11.68
CA VAL A 289 -15.18 -32.25 11.51
C VAL A 289 -13.70 -32.05 11.82
N LYS B 3 13.00 15.69 -18.63
CA LYS B 3 12.80 15.72 -20.11
C LYS B 3 11.42 16.30 -20.44
N LEU B 4 10.53 16.29 -19.47
CA LEU B 4 9.17 16.83 -19.67
C LEU B 4 9.23 18.36 -19.71
N LYS B 5 8.47 18.94 -20.63
CA LYS B 5 8.43 20.39 -20.78
C LYS B 5 6.99 20.86 -20.55
N LEU B 6 6.85 22.05 -19.97
CA LEU B 6 5.53 22.61 -19.69
C LEU B 6 4.59 22.58 -20.91
N SER B 7 5.09 23.01 -22.06
CA SER B 7 4.30 23.04 -23.28
C SER B 7 3.84 21.64 -23.72
N ASP B 8 4.54 20.62 -23.23
CA ASP B 8 4.20 19.24 -23.56
C ASP B 8 2.79 18.87 -23.10
N TRP B 9 2.38 19.44 -21.97
CA TRP B 9 1.08 19.12 -21.39
C TRP B 9 0.21 20.31 -21.01
N PHE B 10 0.80 21.50 -20.99
CA PHE B 10 0.06 22.69 -20.58
C PHE B 10 -0.16 23.71 -21.71
N ASN B 11 -1.42 24.07 -21.94
CA ASN B 11 -1.76 25.05 -22.97
C ASN B 11 -2.64 26.11 -22.33
N PRO B 12 -2.04 27.24 -21.91
CA PRO B 12 -2.80 28.32 -21.27
C PRO B 12 -3.85 29.00 -22.14
N PHE B 13 -3.67 28.96 -23.45
CA PHE B 13 -4.60 29.60 -24.35
C PHE B 13 -5.98 28.95 -24.38
N LYS B 14 -6.11 27.78 -23.76
CA LYS B 14 -7.40 27.09 -23.71
C LYS B 14 -8.33 27.76 -22.70
N ARG B 15 -7.76 28.53 -21.78
CA ARG B 15 -8.54 29.25 -20.76
C ARG B 15 -8.04 30.69 -20.70
N PRO B 16 -8.41 31.51 -21.70
CA PRO B 16 -8.00 32.91 -21.79
C PRO B 16 -8.62 33.86 -20.77
N GLU B 17 -9.72 33.46 -20.16
CA GLU B 17 -10.43 34.32 -19.22
C GLU B 17 -9.95 34.26 -17.76
N VAL B 18 -8.91 33.46 -17.48
CA VAL B 18 -8.39 33.34 -16.12
C VAL B 18 -6.87 33.38 -16.08
N VAL B 19 -6.31 33.54 -14.88
CA VAL B 19 -4.86 33.57 -14.72
C VAL B 19 -4.31 32.16 -14.91
N THR B 20 -3.48 31.97 -15.93
CA THR B 20 -2.90 30.66 -16.24
C THR B 20 -1.39 30.57 -16.04
N MET B 21 -0.75 31.70 -15.84
CA MET B 21 0.69 31.73 -15.62
C MET B 21 1.01 32.80 -14.60
N THR B 22 2.00 32.52 -13.75
CA THR B 22 2.40 33.49 -12.73
C THR B 22 3.60 34.28 -13.22
N LYS B 23 3.96 35.34 -12.49
CA LYS B 23 5.10 36.17 -12.84
C LYS B 23 6.39 35.36 -12.87
N TRP B 24 6.45 34.30 -12.05
CA TRP B 24 7.64 33.46 -12.01
C TRP B 24 7.52 32.25 -12.93
N LYS B 25 6.62 32.37 -13.89
CA LYS B 25 6.39 31.35 -14.91
C LYS B 25 5.88 29.98 -14.49
N ALA B 26 5.16 29.93 -13.36
CA ALA B 26 4.61 28.66 -12.90
C ALA B 26 3.19 28.61 -13.46
N PRO B 27 2.73 27.43 -13.88
CA PRO B 27 1.37 27.34 -14.42
C PRO B 27 0.29 27.27 -13.35
N VAL B 28 -0.90 27.77 -13.68
CA VAL B 28 -2.06 27.70 -12.79
C VAL B 28 -2.92 26.72 -13.58
N VAL B 29 -3.10 25.52 -13.03
CA VAL B 29 -3.85 24.48 -13.72
C VAL B 29 -5.37 24.60 -13.64
N TRP B 30 -5.97 24.87 -14.80
CA TRP B 30 -7.42 25.01 -14.94
C TRP B 30 -7.93 23.92 -15.88
N GLU B 31 -9.19 23.54 -15.69
CA GLU B 31 -9.81 22.54 -16.56
C GLU B 31 -9.69 23.05 -17.99
N GLY B 32 -9.20 22.19 -18.89
CA GLY B 32 -9.04 22.57 -20.29
C GLY B 32 -7.61 22.87 -20.72
N THR B 33 -6.77 23.27 -19.78
CA THR B 33 -5.38 23.59 -20.07
C THR B 33 -4.42 22.40 -20.04
N TYR B 34 -4.84 21.29 -19.44
CA TYR B 34 -3.96 20.14 -19.33
C TYR B 34 -4.26 18.96 -20.24
N ASN B 35 -3.19 18.26 -20.62
CA ASN B 35 -3.25 17.09 -21.48
C ASN B 35 -2.88 15.91 -20.57
N ARG B 36 -3.87 15.35 -19.88
CA ARG B 36 -3.62 14.24 -18.96
C ARG B 36 -3.08 12.98 -19.62
N ALA B 37 -3.51 12.70 -20.84
CA ALA B 37 -3.05 11.51 -21.55
C ALA B 37 -1.53 11.55 -21.72
N VAL B 38 -1.00 12.71 -22.09
CA VAL B 38 0.45 12.84 -22.28
C VAL B 38 1.18 12.63 -20.97
N LEU B 39 0.61 13.15 -19.89
CA LEU B 39 1.24 13.03 -18.58
C LEU B 39 1.13 11.60 -18.04
N ASP B 40 -0.04 10.98 -18.19
CA ASP B 40 -0.21 9.62 -17.71
C ASP B 40 0.84 8.72 -18.36
N ASN B 41 1.04 8.89 -19.66
CA ASN B 41 2.02 8.09 -20.38
C ASN B 41 3.43 8.36 -19.83
N TYR B 42 3.77 9.63 -19.71
CA TYR B 42 5.08 10.04 -19.21
C TYR B 42 5.41 9.47 -17.83
N TYR B 43 4.48 9.64 -16.89
CA TYR B 43 4.70 9.16 -15.54
C TYR B 43 4.64 7.65 -15.37
N ALA B 44 3.78 6.99 -16.13
CA ALA B 44 3.67 5.54 -16.06
C ALA B 44 5.02 4.92 -16.40
N LYS B 45 5.67 5.47 -17.42
CA LYS B 45 6.97 4.97 -17.85
C LYS B 45 8.00 5.17 -16.74
N GLN B 46 7.82 6.21 -15.93
CA GLN B 46 8.74 6.47 -14.83
C GLN B 46 8.37 5.62 -13.62
N LYS B 47 7.20 4.99 -13.69
CA LYS B 47 6.72 4.15 -12.59
C LYS B 47 6.73 4.93 -11.28
N ILE B 48 5.96 6.01 -11.23
CA ILE B 48 5.91 6.82 -10.02
C ILE B 48 4.83 6.32 -9.07
N THR B 49 4.96 6.70 -7.81
CA THR B 49 3.97 6.35 -6.79
C THR B 49 3.64 7.68 -6.13
N VAL B 50 2.35 7.89 -5.85
CA VAL B 50 1.92 9.14 -5.25
C VAL B 50 1.35 8.91 -3.86
N GLY B 51 1.78 9.72 -2.91
CA GLY B 51 1.29 9.59 -1.53
C GLY B 51 0.25 10.64 -1.21
N LEU B 52 -0.56 10.38 -0.19
CA LEU B 52 -1.59 11.32 0.21
C LEU B 52 -1.76 11.18 1.72
N THR B 53 -1.46 12.24 2.46
CA THR B 53 -1.63 12.21 3.91
C THR B 53 -2.97 12.87 4.26
N VAL B 54 -3.61 12.36 5.30
CA VAL B 54 -4.87 12.94 5.75
C VAL B 54 -5.01 12.64 7.23
N PHE B 55 -5.42 13.65 7.98
CA PHE B 55 -5.58 13.54 9.42
C PHE B 55 -7.05 13.56 9.80
N ALA B 56 -7.42 12.76 10.78
CA ALA B 56 -8.79 12.75 11.27
C ALA B 56 -8.65 12.51 12.77
N VAL B 57 -8.93 13.56 13.55
CA VAL B 57 -8.84 13.52 15.00
C VAL B 57 -10.19 13.88 15.62
N GLY B 58 -10.65 13.08 16.57
CA GLY B 58 -11.93 13.34 17.19
C GLY B 58 -13.10 13.01 16.27
N ARG B 59 -14.16 13.82 16.36
CA ARG B 59 -15.36 13.64 15.55
C ARG B 59 -15.13 13.67 14.04
N TYR B 60 -14.05 14.31 13.61
CA TYR B 60 -13.73 14.40 12.17
C TYR B 60 -13.62 13.02 11.56
N ILE B 61 -13.34 12.01 12.38
CA ILE B 61 -13.22 10.65 11.89
C ILE B 61 -14.55 10.13 11.36
N GLU B 62 -15.56 10.11 12.24
CA GLU B 62 -16.88 9.63 11.87
C GLU B 62 -17.54 10.53 10.83
N HIS B 63 -17.31 11.84 10.95
CA HIS B 63 -17.93 12.77 10.02
C HIS B 63 -17.36 12.79 8.60
N TYR B 64 -16.04 12.73 8.47
CA TYR B 64 -15.44 12.87 7.15
C TYR B 64 -14.48 11.85 6.57
N LEU B 65 -13.84 11.03 7.41
CA LEU B 65 -12.83 10.11 6.87
C LEU B 65 -13.29 9.10 5.83
N GLU B 66 -14.43 8.47 6.06
N GLU B 66 -14.43 8.46 6.05
CA GLU B 66 -14.96 7.48 5.12
CA GLU B 66 -14.92 7.47 5.09
C GLU B 66 -15.23 8.10 3.76
C GLU B 66 -15.22 8.12 3.74
N GLU B 67 -15.93 9.24 3.76
CA GLU B 67 -16.27 9.93 2.52
C GLU B 67 -15.02 10.38 1.78
N PHE B 68 -14.04 10.86 2.54
CA PHE B 68 -12.81 11.32 1.93
C PHE B 68 -12.10 10.17 1.22
N LEU B 69 -11.84 9.08 1.95
CA LEU B 69 -11.15 7.93 1.39
C LEU B 69 -11.87 7.25 0.24
N THR B 70 -13.18 7.12 0.35
CA THR B 70 -13.97 6.49 -0.72
C THR B 70 -13.87 7.31 -2.01
N SER B 71 -13.89 8.63 -1.89
N SER B 71 -13.89 8.63 -1.89
CA SER B 71 -13.80 9.50 -3.07
CA SER B 71 -13.79 9.48 -3.08
C SER B 71 -12.38 9.55 -3.62
C SER B 71 -12.37 9.51 -3.63
N ALA B 72 -11.39 9.49 -2.74
CA ALA B 72 -9.99 9.52 -3.15
C ALA B 72 -9.63 8.23 -3.90
N ASN B 73 -10.13 7.11 -3.40
CA ASN B 73 -9.88 5.82 -4.03
C ASN B 73 -10.38 5.84 -5.47
N LYS B 74 -11.51 6.51 -5.67
CA LYS B 74 -12.13 6.60 -6.98
C LYS B 74 -11.58 7.65 -7.95
N HIS B 75 -11.08 8.77 -7.43
CA HIS B 75 -10.62 9.86 -8.28
C HIS B 75 -9.16 10.31 -8.25
N PHE B 76 -8.42 9.96 -7.21
CA PHE B 76 -7.04 10.41 -7.04
C PHE B 76 -5.95 9.62 -7.78
N MET B 77 -5.34 10.26 -8.79
CA MET B 77 -4.27 9.62 -9.56
C MET B 77 -4.65 8.26 -10.11
N VAL B 78 -5.85 8.13 -10.65
CA VAL B 78 -6.27 6.84 -11.21
C VAL B 78 -5.27 6.38 -12.27
N GLY B 79 -4.92 5.10 -12.22
CA GLY B 79 -3.99 4.55 -13.19
C GLY B 79 -2.55 4.54 -12.70
N HIS B 80 -2.33 5.03 -11.49
CA HIS B 80 -0.99 5.07 -10.90
C HIS B 80 -1.01 4.56 -9.48
N PRO B 81 0.08 3.93 -9.02
CA PRO B 81 0.13 3.42 -7.65
C PRO B 81 -0.02 4.58 -6.66
N VAL B 82 -0.91 4.41 -5.69
CA VAL B 82 -1.16 5.44 -4.69
C VAL B 82 -1.12 4.83 -3.30
N ILE B 83 -0.63 5.58 -2.33
CA ILE B 83 -0.58 5.12 -0.94
C ILE B 83 -1.24 6.17 -0.05
N PHE B 84 -2.28 5.79 0.67
CA PHE B 84 -2.95 6.73 1.56
C PHE B 84 -2.35 6.59 2.95
N TYR B 85 -1.90 7.71 3.51
CA TYR B 85 -1.32 7.73 4.85
C TYR B 85 -2.37 8.36 5.76
N ILE B 86 -2.97 7.53 6.60
CA ILE B 86 -4.03 7.98 7.49
C ILE B 86 -3.58 8.14 8.94
N MET B 87 -3.70 9.38 9.45
CA MET B 87 -3.33 9.70 10.82
C MET B 87 -4.59 9.96 11.64
N VAL B 88 -4.81 9.14 12.67
CA VAL B 88 -5.97 9.27 13.54
C VAL B 88 -5.57 9.08 15.00
N ASP B 89 -6.38 9.63 15.92
CA ASP B 89 -6.07 9.49 17.34
C ASP B 89 -6.60 8.17 17.91
N ASP B 90 -7.54 7.56 17.19
CA ASP B 90 -8.11 6.29 17.62
C ASP B 90 -8.25 5.37 16.40
N VAL B 91 -7.31 4.45 16.25
CA VAL B 91 -7.33 3.53 15.10
C VAL B 91 -8.54 2.60 15.06
N SER B 92 -9.17 2.38 16.21
CA SER B 92 -10.33 1.50 16.27
C SER B 92 -11.55 2.13 15.59
N ARG B 93 -11.46 3.42 15.28
CA ARG B 93 -12.57 4.12 14.65
C ARG B 93 -12.29 4.35 13.16
N MET B 94 -11.19 3.74 12.70
CA MET B 94 -10.74 3.83 11.30
C MET B 94 -11.64 3.00 10.36
N PRO B 95 -12.34 3.67 9.43
CA PRO B 95 -13.22 2.95 8.50
C PRO B 95 -12.43 2.25 7.39
N LEU B 96 -12.29 0.93 7.49
CA LEU B 96 -11.54 0.14 6.51
C LEU B 96 -12.34 -0.16 5.24
N ILE B 97 -12.44 0.83 4.36
CA ILE B 97 -13.17 0.69 3.12
C ILE B 97 -12.40 -0.21 2.15
N GLU B 98 -13.07 -0.67 1.11
CA GLU B 98 -12.42 -1.49 0.11
C GLU B 98 -11.70 -0.55 -0.85
N LEU B 99 -10.46 -0.86 -1.18
CA LEU B 99 -9.70 -0.03 -2.10
C LEU B 99 -9.67 -0.71 -3.47
N GLY B 100 -9.54 0.11 -4.52
CA GLY B 100 -9.52 -0.44 -5.86
C GLY B 100 -8.11 -0.67 -6.37
N PRO B 101 -7.97 -1.04 -7.65
CA PRO B 101 -6.66 -1.30 -8.24
C PRO B 101 -5.68 -0.14 -8.04
N LEU B 102 -4.44 -0.49 -7.70
CA LEU B 102 -3.37 0.47 -7.49
C LEU B 102 -3.44 1.34 -6.23
N ARG B 103 -4.40 1.05 -5.35
CA ARG B 103 -4.52 1.80 -4.10
C ARG B 103 -4.16 0.88 -2.95
N SER B 104 -3.50 1.43 -1.93
CA SER B 104 -3.16 0.69 -0.71
C SER B 104 -3.01 1.76 0.36
N PHE B 105 -2.88 1.36 1.62
CA PHE B 105 -2.75 2.37 2.66
C PHE B 105 -2.06 1.85 3.91
N LYS B 106 -1.82 2.77 4.84
CA LYS B 106 -1.22 2.43 6.13
C LYS B 106 -1.73 3.47 7.12
N VAL B 107 -2.08 3.00 8.32
CA VAL B 107 -2.64 3.86 9.35
C VAL B 107 -1.71 4.09 10.54
N PHE B 108 -1.71 5.31 11.04
CA PHE B 108 -0.88 5.67 12.19
C PHE B 108 -1.68 6.32 13.31
N LYS B 109 -1.37 5.92 14.54
CA LYS B 109 -2.05 6.49 15.71
C LYS B 109 -1.25 7.71 16.16
N ILE B 110 -1.93 8.85 16.29
CA ILE B 110 -1.27 10.07 16.74
C ILE B 110 -1.91 10.62 18.00
N LYS B 111 -1.20 11.53 18.67
CA LYS B 111 -1.72 12.15 19.88
C LYS B 111 -2.72 13.25 19.52
N PRO B 112 -3.87 13.28 20.19
CA PRO B 112 -4.85 14.33 19.89
C PRO B 112 -4.51 15.58 20.70
N GLU B 113 -4.26 16.70 20.02
CA GLU B 113 -3.96 17.94 20.73
C GLU B 113 -5.24 18.46 21.38
N LYS B 114 -5.10 19.15 22.50
CA LYS B 114 -6.26 19.69 23.22
C LYS B 114 -7.06 20.75 22.45
N ARG B 115 -6.37 21.63 21.75
CA ARG B 115 -7.02 22.69 20.99
C ARG B 115 -7.05 22.32 19.52
N TRP B 116 -8.22 22.45 18.89
CA TRP B 116 -8.34 22.12 17.47
C TRP B 116 -7.36 22.92 16.61
N GLN B 117 -7.00 24.12 17.07
CA GLN B 117 -6.07 24.95 16.33
C GLN B 117 -4.70 24.27 16.29
N ASP B 118 -4.36 23.57 17.37
CA ASP B 118 -3.09 22.86 17.43
C ASP B 118 -3.17 21.55 16.68
N ILE B 119 -4.36 20.95 16.65
CA ILE B 119 -4.54 19.71 15.91
C ILE B 119 -4.21 20.04 14.47
N SER B 120 -4.75 21.14 13.97
CA SER B 120 -4.52 21.57 12.60
C SER B 120 -3.06 21.92 12.33
N MET B 121 -2.49 22.72 13.21
CA MET B 121 -1.11 23.16 13.06
C MET B 121 -0.06 22.07 13.28
N MET B 122 -0.30 21.20 14.24
CA MET B 122 0.65 20.13 14.53
C MET B 122 0.88 19.20 13.34
N ARG B 123 -0.05 19.21 12.38
CA ARG B 123 0.09 18.37 11.19
C ARG B 123 1.43 18.63 10.52
N MET B 124 1.85 19.90 10.49
CA MET B 124 3.11 20.27 9.86
C MET B 124 4.28 19.49 10.47
N LYS B 125 4.28 19.36 11.79
CA LYS B 125 5.35 18.63 12.46
C LYS B 125 5.29 17.15 12.11
N THR B 126 4.12 16.55 12.31
CA THR B 126 3.90 15.14 12.04
C THR B 126 4.19 14.71 10.61
N ILE B 127 3.78 15.52 9.63
CA ILE B 127 4.03 15.18 8.24
C ILE B 127 5.54 15.12 8.00
N GLY B 128 6.25 16.14 8.47
CA GLY B 128 7.69 16.17 8.29
C GLY B 128 8.37 14.93 8.84
N GLU B 129 7.96 14.52 10.03
CA GLU B 129 8.54 13.34 10.66
C GLU B 129 8.32 12.08 9.84
N HIS B 130 7.10 11.91 9.32
CA HIS B 130 6.80 10.74 8.51
C HIS B 130 7.54 10.76 7.18
N ILE B 131 7.76 11.95 6.61
CA ILE B 131 8.48 12.03 5.34
C ILE B 131 9.90 11.49 5.53
N VAL B 132 10.56 11.96 6.59
CA VAL B 132 11.93 11.51 6.87
C VAL B 132 11.98 10.02 7.22
N ALA B 133 11.04 9.58 8.06
CA ALA B 133 10.99 8.19 8.48
C ALA B 133 10.66 7.19 7.37
N HIS B 134 9.73 7.54 6.46
CA HIS B 134 9.38 6.59 5.41
C HIS B 134 8.83 7.11 4.08
N ILE B 135 8.02 8.15 4.10
CA ILE B 135 7.42 8.64 2.86
C ILE B 135 8.42 9.01 1.75
N GLN B 136 9.56 9.56 2.13
CA GLN B 136 10.58 9.94 1.15
C GLN B 136 11.12 8.72 0.40
N HIS B 137 10.93 7.53 0.97
CA HIS B 137 11.40 6.30 0.34
C HIS B 137 10.29 5.55 -0.38
N GLU B 138 9.05 6.00 -0.19
CA GLU B 138 7.90 5.31 -0.76
C GLU B 138 7.23 5.96 -1.96
N VAL B 139 7.32 7.28 -2.08
CA VAL B 139 6.66 7.98 -3.19
C VAL B 139 7.52 9.02 -3.89
N ASP B 140 7.11 9.37 -5.10
CA ASP B 140 7.80 10.37 -5.90
C ASP B 140 7.19 11.75 -5.63
N PHE B 141 5.89 11.78 -5.32
CA PHE B 141 5.20 13.02 -5.00
C PHE B 141 4.26 12.75 -3.83
N LEU B 142 3.90 13.80 -3.12
CA LEU B 142 3.01 13.68 -1.97
C LEU B 142 2.06 14.86 -1.87
N PHE B 143 0.82 14.58 -1.50
CA PHE B 143 -0.18 15.62 -1.31
C PHE B 143 -0.64 15.47 0.14
N CYS B 144 -0.85 16.60 0.81
CA CYS B 144 -1.31 16.65 2.19
C CYS B 144 -2.65 17.39 2.13
N MET B 145 -3.72 16.73 2.58
CA MET B 145 -5.04 17.32 2.49
C MET B 145 -5.88 17.28 3.75
N ASP B 146 -6.80 18.24 3.84
CA ASP B 146 -7.77 18.32 4.94
C ASP B 146 -8.69 17.13 4.69
N VAL B 147 -9.37 16.67 5.74
CA VAL B 147 -10.28 15.53 5.58
C VAL B 147 -11.71 15.98 5.29
N ASP B 148 -12.02 17.23 5.59
CA ASP B 148 -13.38 17.77 5.40
C ASP B 148 -13.69 18.23 3.99
N GLN B 149 -13.46 17.35 3.02
CA GLN B 149 -13.71 17.61 1.61
C GLN B 149 -13.93 16.28 0.90
N VAL B 150 -14.45 16.33 -0.31
CA VAL B 150 -14.75 15.12 -1.08
C VAL B 150 -14.33 15.29 -2.53
N PHE B 151 -13.66 14.27 -3.09
CA PHE B 151 -13.25 14.30 -4.49
C PHE B 151 -14.52 14.13 -5.33
N GLN B 152 -14.66 14.93 -6.38
CA GLN B 152 -15.85 14.85 -7.24
C GLN B 152 -15.54 14.36 -8.64
N ASP B 153 -14.29 14.47 -9.06
CA ASP B 153 -13.90 14.03 -10.40
C ASP B 153 -12.39 13.80 -10.43
N LYS B 154 -11.90 13.39 -11.60
CA LYS B 154 -10.46 13.11 -11.75
C LYS B 154 -9.54 14.20 -11.21
N PHE B 155 -8.65 13.79 -10.33
CA PHE B 155 -7.65 14.66 -9.71
C PHE B 155 -6.39 13.89 -10.06
N GLY B 156 -5.87 14.13 -11.26
CA GLY B 156 -4.71 13.38 -11.73
C GLY B 156 -3.32 13.96 -11.75
N VAL B 157 -2.46 13.30 -12.51
CA VAL B 157 -1.05 13.68 -12.63
C VAL B 157 -0.79 15.12 -13.11
N GLU B 158 -1.82 15.77 -13.64
CA GLU B 158 -1.64 17.15 -14.08
C GLU B 158 -1.38 18.06 -12.87
N THR B 159 -1.61 17.54 -11.67
CA THR B 159 -1.41 18.33 -10.46
C THR B 159 -0.04 18.14 -9.80
N LEU B 160 0.76 17.22 -10.32
CA LEU B 160 2.07 16.93 -9.76
C LEU B 160 3.14 17.97 -10.10
N GLY B 161 4.07 18.17 -9.16
CA GLY B 161 5.14 19.14 -9.38
C GLY B 161 6.03 19.21 -8.16
N GLU B 162 7.12 19.96 -8.27
CA GLU B 162 8.08 20.11 -7.16
C GLU B 162 7.38 20.61 -5.90
N SER B 163 6.65 21.71 -6.02
CA SER B 163 5.89 22.27 -4.90
C SER B 163 4.58 22.76 -5.47
N VAL B 164 3.47 22.28 -4.90
CA VAL B 164 2.15 22.60 -5.41
C VAL B 164 1.25 23.32 -4.41
N ALA B 165 0.64 24.41 -4.86
CA ALA B 165 -0.26 25.18 -4.01
C ALA B 165 -1.67 25.20 -4.58
N GLN B 166 -2.65 25.45 -3.71
CA GLN B 166 -4.06 25.50 -4.08
C GLN B 166 -4.62 26.93 -3.94
N LEU B 167 -5.33 27.40 -4.96
CA LEU B 167 -5.92 28.74 -4.89
C LEU B 167 -7.22 28.62 -4.09
N GLN B 168 -7.32 29.38 -3.00
CA GLN B 168 -8.50 29.33 -2.16
C GLN B 168 -9.70 29.88 -2.94
N ALA B 169 -10.77 29.08 -2.99
CA ALA B 169 -11.99 29.39 -3.74
C ALA B 169 -12.63 30.77 -3.57
N TRP B 170 -12.61 31.32 -2.36
CA TRP B 170 -13.22 32.61 -2.12
C TRP B 170 -12.37 33.83 -2.49
N TRP B 171 -11.07 33.66 -2.65
CA TRP B 171 -10.22 34.82 -2.93
C TRP B 171 -9.40 34.82 -4.21
N TYR B 172 -9.68 33.89 -5.12
CA TYR B 172 -8.87 33.81 -6.33
C TYR B 172 -8.94 35.01 -7.27
N LYS B 173 -10.01 35.79 -7.20
CA LYS B 173 -10.14 36.98 -8.05
C LYS B 173 -9.94 38.26 -7.27
N ALA B 174 -9.62 38.15 -5.98
CA ALA B 174 -9.43 39.32 -5.14
C ALA B 174 -8.05 39.96 -5.22
N ASP B 175 -8.00 41.24 -4.86
CA ASP B 175 -6.75 41.98 -4.84
C ASP B 175 -6.02 41.47 -3.61
N PRO B 176 -4.72 41.16 -3.74
CA PRO B 176 -3.95 40.66 -2.61
C PRO B 176 -4.02 41.51 -1.35
N ASN B 177 -4.26 42.80 -1.49
CA ASN B 177 -4.34 43.67 -0.33
C ASN B 177 -5.65 43.50 0.44
N ASP B 178 -6.48 42.57 -0.02
CA ASP B 178 -7.73 42.26 0.65
C ASP B 178 -7.64 40.85 1.23
N PHE B 179 -6.55 40.14 0.90
CA PHE B 179 -6.33 38.77 1.39
C PHE B 179 -6.27 38.73 2.91
N THR B 180 -6.72 37.62 3.49
CA THR B 180 -6.70 37.48 4.95
C THR B 180 -5.36 36.93 5.45
N TYR B 181 -4.26 37.53 5.00
CA TYR B 181 -2.93 37.13 5.44
C TYR B 181 -2.83 37.62 6.89
N GLU B 182 -1.84 37.13 7.62
CA GLU B 182 -1.61 37.59 8.99
C GLU B 182 -0.95 38.95 8.76
N ARG B 183 -1.51 40.01 9.34
CA ARG B 183 -0.98 41.35 9.14
C ARG B 183 -0.20 41.96 10.32
N ARG B 184 -0.02 41.19 11.39
CA ARG B 184 0.73 41.67 12.55
C ARG B 184 2.20 41.32 12.39
N LYS B 185 3.07 42.33 12.43
CA LYS B 185 4.50 42.09 12.27
C LYS B 185 5.12 41.20 13.35
N GLU B 186 4.43 41.06 14.47
CA GLU B 186 4.93 40.23 15.56
C GLU B 186 4.90 38.74 15.21
N SER B 187 4.09 38.38 14.22
CA SER B 187 3.97 36.98 13.79
C SER B 187 4.95 36.63 12.68
N ALA B 188 5.44 35.39 12.72
CA ALA B 188 6.37 34.89 11.71
C ALA B 188 5.67 34.77 10.36
N ALA B 189 4.34 34.75 10.39
CA ALA B 189 3.55 34.61 9.15
C ALA B 189 3.18 35.97 8.55
N TYR B 190 3.69 37.04 9.14
CA TYR B 190 3.41 38.40 8.68
C TYR B 190 3.72 38.64 7.19
N ILE B 191 2.76 39.24 6.51
CA ILE B 191 2.91 39.63 5.10
C ILE B 191 2.34 41.04 5.07
N PRO B 192 3.20 42.04 4.85
CA PRO B 192 2.74 43.43 4.82
C PRO B 192 1.87 43.76 3.61
N PHE B 193 1.03 44.78 3.75
CA PHE B 193 0.20 45.20 2.63
C PHE B 193 1.20 45.63 1.56
N GLY B 194 0.89 45.38 0.30
CA GLY B 194 1.80 45.72 -0.77
C GLY B 194 2.58 44.51 -1.23
N GLU B 195 2.40 43.38 -0.56
CA GLU B 195 3.08 42.13 -0.91
C GLU B 195 2.07 41.00 -1.05
N GLY B 196 2.45 39.95 -1.78
CA GLY B 196 1.56 38.82 -1.96
C GLY B 196 1.16 38.59 -3.40
N ASP B 197 1.12 37.31 -3.80
CA ASP B 197 0.74 36.95 -5.16
C ASP B 197 -0.69 36.38 -5.18
N PHE B 198 -0.94 35.41 -4.32
CA PHE B 198 -2.26 34.78 -4.22
C PHE B 198 -2.52 34.35 -2.80
N TYR B 199 -3.76 33.97 -2.51
CA TYR B 199 -4.09 33.47 -1.19
C TYR B 199 -4.30 31.98 -1.38
N TYR B 200 -3.35 31.20 -0.85
CA TYR B 200 -3.36 29.75 -0.97
C TYR B 200 -4.17 29.09 0.14
N HIS B 201 -4.88 28.02 -0.21
CA HIS B 201 -5.71 27.26 0.72
C HIS B 201 -4.85 26.17 1.38
N ALA B 202 -4.91 26.06 2.70
CA ALA B 202 -4.13 25.05 3.40
C ALA B 202 -4.76 23.66 3.34
N ALA B 203 -5.95 23.56 2.76
CA ALA B 203 -6.64 22.26 2.64
C ALA B 203 -5.94 21.33 1.67
N ILE B 204 -5.12 21.88 0.78
CA ILE B 204 -4.39 21.09 -0.19
C ILE B 204 -3.04 21.69 -0.53
N PHE B 205 -1.98 20.91 -0.41
CA PHE B 205 -0.63 21.34 -0.82
C PHE B 205 0.21 20.09 -1.02
N GLY B 206 1.25 20.17 -1.86
CA GLY B 206 2.05 18.98 -2.07
C GLY B 206 3.32 19.28 -2.84
N GLY B 207 3.92 18.22 -3.37
CA GLY B 207 5.17 18.34 -4.13
C GLY B 207 5.99 17.09 -3.89
N THR B 208 7.28 17.14 -4.17
CA THR B 208 8.15 15.99 -3.93
C THR B 208 8.31 15.92 -2.42
N PRO B 209 8.69 14.76 -1.89
CA PRO B 209 8.88 14.66 -0.44
C PRO B 209 9.88 15.69 0.08
N THR B 210 10.94 15.95 -0.69
CA THR B 210 11.94 16.92 -0.28
C THR B 210 11.35 18.30 -0.07
N GLN B 211 10.54 18.76 -1.04
CA GLN B 211 9.92 20.08 -0.92
C GLN B 211 8.86 20.12 0.18
N VAL B 212 8.03 19.09 0.27
CA VAL B 212 6.99 19.09 1.30
C VAL B 212 7.63 19.10 2.68
N LEU B 213 8.77 18.44 2.81
CA LEU B 213 9.49 18.40 4.08
C LEU B 213 9.87 19.83 4.46
N ASN B 214 10.35 20.60 3.49
CA ASN B 214 10.75 21.98 3.73
C ASN B 214 9.53 22.84 4.05
N ILE B 215 8.45 22.63 3.29
CA ILE B 215 7.22 23.38 3.52
C ILE B 215 6.75 23.18 4.95
N THR B 216 6.63 21.93 5.35
CA THR B 216 6.15 21.59 6.69
C THR B 216 7.14 21.99 7.78
N GLN B 217 8.42 21.80 7.55
CA GLN B 217 9.42 22.18 8.55
C GLN B 217 9.43 23.68 8.80
N GLU B 218 9.41 24.46 7.73
CA GLU B 218 9.42 25.91 7.85
C GLU B 218 8.13 26.44 8.48
N CYS B 219 6.99 25.89 8.10
CA CYS B 219 5.73 26.33 8.67
C CYS B 219 5.67 26.05 10.16
N PHE B 220 6.17 24.89 10.58
CA PHE B 220 6.12 24.56 12.00
C PHE B 220 7.09 25.43 12.80
N LYS B 221 8.22 25.77 12.19
CA LYS B 221 9.19 26.63 12.85
C LYS B 221 8.54 27.98 13.12
N GLY B 222 7.72 28.44 12.17
CA GLY B 222 7.03 29.70 12.34
C GLY B 222 5.99 29.58 13.44
N ILE B 223 5.27 28.46 13.43
CA ILE B 223 4.25 28.19 14.43
C ILE B 223 4.86 28.17 15.83
N LEU B 224 6.01 27.53 15.99
CA LEU B 224 6.69 27.45 17.27
C LEU B 224 7.24 28.82 17.70
N LYS B 225 7.73 29.58 16.74
CA LYS B 225 8.28 30.90 17.02
C LYS B 225 7.17 31.81 17.57
N ASP B 226 6.01 31.75 16.94
CA ASP B 226 4.89 32.57 17.39
C ASP B 226 4.51 32.19 18.82
N LYS B 227 4.59 30.89 19.14
CA LYS B 227 4.25 30.45 20.49
C LYS B 227 5.21 31.07 21.52
N LYS B 228 6.47 31.21 21.14
CA LYS B 228 7.46 31.80 22.04
C LYS B 228 7.21 33.30 22.17
N ASN B 229 6.53 33.88 21.19
CA ASN B 229 6.22 35.30 21.22
C ASN B 229 4.79 35.60 21.63
N ASP B 230 4.14 34.60 22.22
CA ASP B 230 2.77 34.75 22.70
C ASP B 230 1.80 35.32 21.67
N ILE B 231 1.80 34.74 20.48
CA ILE B 231 0.91 35.17 19.42
C ILE B 231 0.56 33.96 18.57
N GLU B 232 -0.65 33.95 18.02
CA GLU B 232 -1.09 32.85 17.17
C GLU B 232 -1.70 33.43 15.89
N ALA B 233 -1.12 33.11 14.75
CA ALA B 233 -1.60 33.61 13.47
C ALA B 233 -3.11 33.43 13.34
N GLN B 234 -3.77 34.46 12.80
CA GLN B 234 -5.22 34.45 12.64
C GLN B 234 -5.76 33.20 11.95
N TRP B 235 -5.08 32.75 10.90
CA TRP B 235 -5.53 31.56 10.21
C TRP B 235 -4.60 30.37 10.37
N HIS B 236 -3.94 30.34 11.52
CA HIS B 236 -3.05 29.27 11.92
C HIS B 236 -2.10 28.77 10.85
N ASP B 237 -2.06 27.46 10.61
CA ASP B 237 -1.14 26.92 9.62
C ASP B 237 -1.31 27.53 8.22
N GLU B 238 -2.53 27.95 7.89
CA GLU B 238 -2.74 28.55 6.57
C GLU B 238 -2.02 29.89 6.42
N SER B 239 -1.90 30.63 7.51
CA SER B 239 -1.21 31.92 7.48
C SER B 239 0.27 31.65 7.22
N HIS B 240 0.80 30.65 7.90
CA HIS B 240 2.20 30.28 7.74
C HIS B 240 2.46 29.70 6.36
N LEU B 241 1.53 28.91 5.86
CA LEU B 241 1.69 28.33 4.53
C LEU B 241 1.75 29.44 3.50
N ASN B 242 0.93 30.48 3.67
CA ASN B 242 0.93 31.58 2.73
C ASN B 242 2.24 32.35 2.82
N LYS B 243 2.77 32.53 4.03
CA LYS B 243 4.05 33.22 4.17
C LYS B 243 5.13 32.40 3.47
N TYR B 244 5.14 31.08 3.69
CA TYR B 244 6.14 30.22 3.06
C TYR B 244 6.11 30.33 1.53
N PHE B 245 4.91 30.18 0.96
CA PHE B 245 4.76 30.25 -0.49
C PHE B 245 5.05 31.63 -1.07
N LEU B 246 5.08 32.66 -0.22
CA LEU B 246 5.41 33.98 -0.71
C LEU B 246 6.93 34.01 -0.91
N LEU B 247 7.65 33.44 0.06
CA LEU B 247 9.10 33.40 0.03
C LEU B 247 9.65 32.33 -0.93
N ASN B 248 8.99 31.17 -0.93
CA ASN B 248 9.39 30.06 -1.78
C ASN B 248 8.21 29.76 -2.71
N LYS B 249 8.16 30.49 -3.81
CA LYS B 249 7.07 30.35 -4.75
C LYS B 249 6.85 28.94 -5.29
N PRO B 250 5.58 28.50 -5.30
CA PRO B 250 5.22 27.17 -5.79
C PRO B 250 5.52 27.05 -7.28
N THR B 251 5.93 25.86 -7.69
CA THR B 251 6.25 25.61 -9.09
C THR B 251 4.99 25.28 -9.90
N LYS B 252 3.88 25.10 -9.18
CA LYS B 252 2.60 24.81 -9.83
C LYS B 252 1.47 25.19 -8.88
N ILE B 253 0.41 25.80 -9.43
CA ILE B 253 -0.74 26.20 -8.64
C ILE B 253 -1.98 25.53 -9.23
N LEU B 254 -2.92 25.12 -8.38
CA LEU B 254 -4.13 24.49 -8.87
C LEU B 254 -5.27 25.51 -8.80
N SER B 255 -6.15 25.50 -9.78
CA SER B 255 -7.25 26.46 -9.79
C SER B 255 -8.28 26.04 -8.73
N PRO B 256 -9.24 26.92 -8.41
CA PRO B 256 -10.27 26.60 -7.42
C PRO B 256 -11.15 25.43 -7.84
N GLU B 257 -11.05 25.00 -9.09
CA GLU B 257 -11.82 23.85 -9.55
C GLU B 257 -11.34 22.62 -8.78
N TYR B 258 -10.11 22.68 -8.28
CA TYR B 258 -9.54 21.56 -7.54
C TYR B 258 -9.87 21.55 -6.05
N CYS B 259 -10.59 22.56 -5.58
CA CYS B 259 -10.99 22.64 -4.17
C CYS B 259 -12.06 23.74 -4.10
N TRP B 260 -13.25 23.39 -4.58
CA TRP B 260 -14.36 24.32 -4.68
C TRP B 260 -15.38 24.31 -3.54
N ASP B 261 -15.87 25.48 -3.16
CA ASP B 261 -16.88 25.59 -2.11
C ASP B 261 -18.21 25.87 -2.78
N TYR B 262 -19.09 24.89 -2.84
CA TYR B 262 -20.39 25.06 -3.48
C TYR B 262 -21.27 26.13 -2.84
N HIS B 263 -20.89 26.61 -1.66
CA HIS B 263 -21.68 27.65 -1.01
C HIS B 263 -21.60 28.93 -1.84
N ILE B 264 -20.56 29.02 -2.67
CA ILE B 264 -20.38 30.18 -3.54
C ILE B 264 -21.31 30.05 -4.74
N GLY B 265 -21.70 28.82 -5.03
CA GLY B 265 -22.54 28.54 -6.18
C GLY B 265 -21.60 27.96 -7.22
N LEU B 266 -21.96 28.05 -8.49
CA LEU B 266 -21.09 27.54 -9.54
C LEU B 266 -21.01 28.55 -10.67
N PRO B 267 -20.03 29.46 -10.59
CA PRO B 267 -19.83 30.50 -11.60
C PRO B 267 -19.20 29.96 -12.88
N ALA B 268 -19.17 30.80 -13.91
CA ALA B 268 -18.62 30.44 -15.23
C ALA B 268 -17.20 29.89 -15.28
N ASP B 269 -16.29 30.43 -14.46
CA ASP B 269 -14.90 29.99 -14.43
C ASP B 269 -14.68 28.55 -13.95
N ILE B 270 -15.58 28.07 -13.11
CA ILE B 270 -15.47 26.72 -12.55
C ILE B 270 -16.13 25.70 -13.49
N LYS B 271 -15.35 25.24 -14.47
CA LYS B 271 -15.82 24.31 -15.49
C LYS B 271 -16.09 22.87 -15.06
N LEU B 272 -15.20 22.30 -14.26
CA LEU B 272 -15.35 20.93 -13.78
C LEU B 272 -14.72 20.78 -12.39
N VAL B 273 -15.56 20.60 -11.39
CA VAL B 273 -15.08 20.46 -10.00
C VAL B 273 -14.44 19.10 -9.72
N LYS B 274 -13.21 19.13 -9.20
CA LYS B 274 -12.50 17.88 -8.88
C LYS B 274 -12.64 17.54 -7.40
N MET B 275 -12.87 18.57 -6.59
CA MET B 275 -13.01 18.40 -5.14
C MET B 275 -13.92 19.49 -4.58
N SER B 276 -14.73 19.14 -3.59
CA SER B 276 -15.62 20.11 -2.98
C SER B 276 -15.49 20.12 -1.46
N TRP B 277 -15.69 21.28 -0.87
CA TRP B 277 -15.65 21.46 0.59
C TRP B 277 -16.87 20.80 1.22
N GLN B 278 -16.70 20.27 2.43
CA GLN B 278 -17.81 19.70 3.18
C GLN B 278 -18.34 20.92 3.92
N THR B 279 -19.65 21.00 4.13
CA THR B 279 -20.22 22.14 4.84
C THR B 279 -19.61 22.16 6.24
N LYS B 280 -19.35 23.34 6.78
CA LYS B 280 -18.75 23.43 8.11
C LYS B 280 -19.73 23.04 9.22
N GLU B 281 -19.24 22.28 10.21
CA GLU B 281 -20.06 21.85 11.33
C GLU B 281 -19.29 22.00 12.64
N TYR B 282 -18.66 23.15 12.80
CA TYR B 282 -17.85 23.44 13.98
C TYR B 282 -18.54 23.17 15.32
N ASN B 283 -19.80 23.55 15.43
CA ASN B 283 -20.56 23.34 16.67
C ASN B 283 -20.53 21.89 17.12
N VAL B 284 -20.42 20.97 16.16
CA VAL B 284 -20.41 19.54 16.48
C VAL B 284 -19.04 18.86 16.40
N VAL B 285 -18.26 19.15 15.36
CA VAL B 285 -16.96 18.49 15.21
C VAL B 285 -15.81 19.06 16.04
N ARG B 286 -15.96 20.28 16.53
CA ARG B 286 -14.93 20.92 17.35
C ARG B 286 -15.43 21.09 18.79
N ASN B 287 -14.51 21.10 19.75
CA ASN B 287 -14.88 21.24 21.15
C ASN B 287 -14.57 22.61 21.76
N ASN B 288 -13.38 23.14 21.49
CA ASN B 288 -12.98 24.43 22.05
C ASN B 288 -13.08 25.61 21.08
N VAL B 289 -13.07 26.81 21.64
CA VAL B 289 -13.13 28.06 20.90
C VAL B 289 -13.83 27.97 19.54
N1 UDP C . -8.23 -20.83 6.96
C2 UDP C . -8.96 -19.91 7.71
N3 UDP C . -10.05 -20.42 8.42
C4 UDP C . -10.47 -21.76 8.44
C5 UDP C . -9.68 -22.68 7.66
C6 UDP C . -8.63 -22.20 6.96
O2 UDP C . -8.67 -18.71 7.76
O4 UDP C . -11.46 -22.05 9.13
C1' UDP C . -7.04 -20.35 6.17
C2' UDP C . -5.83 -19.90 7.00
O2' UDP C . -5.10 -18.87 6.34
C3' UDP C . -5.06 -21.20 7.14
C4' UDP C . -5.19 -21.81 5.73
O4' UDP C . -6.54 -21.42 5.33
O3' UDP C . -3.70 -20.88 7.46
C5' UDP C . -5.10 -23.36 5.69
O5' UDP C . -5.53 -23.87 6.95
PA UDP C . -4.78 -24.48 8.17
O1A UDP C . -3.66 -23.56 8.54
O2A UDP C . -5.81 -24.76 9.24
O3A UDP C . -4.17 -25.80 7.53
PB UDP C . -3.06 -26.77 8.11
O1B UDP C . -1.67 -25.97 7.88
O2B UDP C . -3.18 -27.98 7.27
O3B UDP C . -3.12 -26.87 9.59
MN MN D . -1.43 -23.84 8.03
N1 UDP E . -8.49 18.36 12.18
C2 UDP E . -8.97 17.23 12.86
N3 UDP E . -9.62 17.48 14.06
C4 UDP E . -9.86 18.75 14.64
C5 UDP E . -9.35 19.88 13.89
C6 UDP E . -8.70 19.65 12.73
O2 UDP E . -8.81 16.07 12.43
O4 UDP E . -10.46 18.79 15.71
C1' UDP E . -7.77 18.17 10.87
C2' UDP E . -8.66 17.74 9.67
O2' UDP E . -7.95 16.94 8.75
C3' UDP E . -9.07 19.10 9.11
C4' UDP E . -7.74 19.89 9.21
O4' UDP E . -7.17 19.42 10.47
O3' UDP E . -9.47 18.90 7.75
C5' UDP E . -7.89 21.44 9.32
O5' UDP E . -9.14 21.67 9.94
PA UDP E . -10.51 22.20 9.42
O1A UDP E . -10.87 21.39 8.23
O2A UDP E . -11.47 22.16 10.59
O3A UDP E . -10.17 23.69 8.97
PB UDP E . -11.06 24.64 8.04
O1B UDP E . -10.80 24.09 6.54
O2B UDP E . -10.48 25.99 8.25
O3B UDP E . -12.52 24.44 8.25
MN MN F . -10.78 22.05 6.07
C1 GLC G . -7.13 27.92 8.26
C2 GLC G . -6.28 26.66 8.36
C3 GLC G . -7.07 25.50 9.00
C4 GLC G . -7.57 25.96 10.40
C5 GLC G . -8.47 27.10 10.23
C6 GLC G . -9.06 27.71 11.26
O1 GLC G . -8.16 27.70 7.24
O2 GLC G . -5.82 26.22 7.05
O3 GLC G . -6.15 24.36 9.06
O4 GLC G . -8.24 24.79 10.87
O5 GLC G . -7.92 28.22 9.48
O6 GLC G . -10.35 27.25 11.06
#